data_4YPW
#
_entry.id   4YPW
#
_cell.length_a   92.892
_cell.length_b   92.892
_cell.length_c   178.097
_cell.angle_alpha   90.000
_cell.angle_beta   90.000
_cell.angle_gamma   120.000
#
_symmetry.space_group_name_H-M   'H 3 2'
#
loop_
_entity.id
_entity.type
_entity.pdbx_description
1 polymer 'tRNA (guanine-N(1)-)-methyltransferase'
2 non-polymer 6-(benzylamino)pyridine-3-carboxamide
3 water water
#
_entity_poly.entity_id   1
_entity_poly.type   'polypeptide(L)'
_entity_poly.pdbx_seq_one_letter_code
;GLVPRGSHMWIGVISLFPEMFKAITEFGVTGRAVKHNLLKVECWNPRDFTFDKHKTVDDRPYGGGPGMLMMVQPLRDAIH
TAKAAAGEGAKVIYLSPQGRKLDQGGVTELAQNQKLILVCGRYEGIDERLIQTEIDEEWSIGDYVLTGGELPAMTLIDAV
ARFIPGVLGKQASAEEDSFADGLLDCPHYTRPEVLEGLTVPPVLMSGHHEEIRKWRLKQSLQRTWLRRPELLEGLALTDE
QRKLLKEAQAEHNS
;
_entity_poly.pdbx_strand_id   A
#
loop_
_chem_comp.id
_chem_comp.type
_chem_comp.name
_chem_comp.formula
4FD non-polymer 6-(benzylamino)pyridine-3-carboxamide 'C13 H13 N3 O'
#
# COMPACT_ATOMS: atom_id res chain seq x y z
N GLY A 6 4.39 -10.54 -17.82
CA GLY A 6 2.93 -10.48 -17.79
C GLY A 6 2.41 -9.06 -17.86
N SER A 7 1.42 -8.75 -17.04
CA SER A 7 0.84 -7.42 -17.00
C SER A 7 1.84 -6.41 -16.44
N HIS A 8 2.55 -5.73 -17.34
CA HIS A 8 3.53 -4.72 -16.96
C HIS A 8 2.86 -3.58 -16.21
N MET A 9 3.59 -2.98 -15.28
CA MET A 9 3.08 -1.84 -14.52
C MET A 9 4.13 -0.74 -14.38
N TRP A 10 3.80 0.44 -14.88
CA TRP A 10 4.71 1.58 -14.80
C TRP A 10 4.25 2.57 -13.74
N ILE A 11 5.15 2.91 -12.82
CA ILE A 11 4.82 3.85 -11.75
C ILE A 11 5.79 5.01 -11.71
N GLY A 12 5.29 6.20 -12.05
CA GLY A 12 6.10 7.41 -11.99
C GLY A 12 5.99 8.06 -10.63
N VAL A 13 7.11 8.52 -10.09
CA VAL A 13 7.13 9.08 -8.75
C VAL A 13 7.73 10.48 -8.70
N ILE A 14 7.01 11.40 -8.08
CA ILE A 14 7.53 12.74 -7.83
C ILE A 14 7.91 12.87 -6.36
N SER A 15 9.20 13.01 -6.09
CA SER A 15 9.69 13.06 -4.71
C SER A 15 11.00 13.83 -4.58
N LEU A 16 11.17 14.49 -3.44
CA LEU A 16 12.39 15.23 -3.15
C LEU A 16 13.52 14.30 -2.72
N PHE A 17 13.16 13.07 -2.37
CA PHE A 17 14.15 12.06 -1.99
C PHE A 17 13.96 10.76 -2.76
N PRO A 18 14.38 10.75 -4.04
CA PRO A 18 14.22 9.57 -4.90
C PRO A 18 15.03 8.37 -4.42
N GLU A 19 16.03 8.61 -3.57
CA GLU A 19 16.90 7.56 -3.08
C GLU A 19 16.17 6.63 -2.12
N MET A 20 15.12 7.13 -1.49
CA MET A 20 14.33 6.35 -0.54
C MET A 20 13.68 5.15 -1.20
N PHE A 21 13.42 5.26 -2.50
CA PHE A 21 12.71 4.22 -3.24
C PHE A 21 13.63 3.09 -3.65
N LYS A 22 14.90 3.18 -3.26
CA LYS A 22 15.83 2.07 -3.44
C LYS A 22 15.46 0.92 -2.52
N ALA A 23 14.71 1.25 -1.47
CA ALA A 23 14.28 0.27 -0.47
C ALA A 23 13.38 -0.80 -1.08
N ILE A 24 12.66 -0.45 -2.15
CA ILE A 24 11.75 -1.39 -2.78
C ILE A 24 12.21 -1.81 -4.18
N THR A 25 13.08 -1.01 -4.79
CA THR A 25 13.52 -1.30 -6.15
C THR A 25 14.79 -2.15 -6.18
N GLU A 26 15.38 -2.38 -5.02
CA GLU A 26 16.64 -3.12 -4.95
C GLU A 26 16.62 -4.25 -3.94
N PHE A 27 15.49 -4.47 -3.28
CA PHE A 27 15.42 -5.50 -2.24
C PHE A 27 14.12 -6.28 -2.27
N GLY A 28 14.20 -7.55 -1.88
CA GLY A 28 13.03 -8.40 -1.73
C GLY A 28 12.31 -8.71 -3.02
N VAL A 29 11.01 -9.01 -2.89
CA VAL A 29 10.19 -9.37 -4.04
C VAL A 29 9.99 -8.22 -5.01
N THR A 30 9.79 -7.02 -4.46
CA THR A 30 9.59 -5.83 -5.29
C THR A 30 10.84 -5.48 -6.09
N GLY A 31 12.00 -5.66 -5.47
CA GLY A 31 13.27 -5.40 -6.15
C GLY A 31 13.49 -6.37 -7.28
N ARG A 32 12.97 -7.59 -7.12
CA ARG A 32 13.07 -8.61 -8.16
C ARG A 32 12.10 -8.31 -9.30
N ALA A 33 10.94 -7.77 -8.96
CA ALA A 33 9.94 -7.40 -9.96
C ALA A 33 10.45 -6.25 -10.83
N VAL A 34 11.22 -5.36 -10.23
CA VAL A 34 11.82 -4.25 -10.96
C VAL A 34 12.97 -4.74 -11.85
N LYS A 35 13.79 -5.63 -11.30
CA LYS A 35 14.90 -6.21 -12.03
C LYS A 35 14.42 -7.01 -13.24
N HIS A 36 13.30 -7.70 -13.07
CA HIS A 36 12.74 -8.53 -14.14
C HIS A 36 11.83 -7.72 -15.07
N ASN A 37 11.89 -6.40 -14.94
CA ASN A 37 11.09 -5.48 -15.76
C ASN A 37 9.59 -5.72 -15.65
N LEU A 38 9.16 -6.33 -14.55
CA LEU A 38 7.75 -6.55 -14.28
C LEU A 38 7.12 -5.27 -13.75
N LEU A 39 7.94 -4.47 -13.07
CA LEU A 39 7.50 -3.22 -12.48
C LEU A 39 8.54 -2.13 -12.71
N LYS A 40 8.13 -1.02 -13.31
CA LYS A 40 9.06 0.08 -13.57
C LYS A 40 8.75 1.26 -12.66
N VAL A 41 9.76 1.69 -11.91
CA VAL A 41 9.62 2.86 -11.04
C VAL A 41 10.58 3.96 -11.48
N GLU A 42 10.04 5.06 -11.97
CA GLU A 42 10.85 6.18 -12.44
C GLU A 42 10.59 7.43 -11.62
N CYS A 43 11.65 8.00 -11.07
CA CYS A 43 11.52 9.12 -10.14
C CYS A 43 11.92 10.45 -10.75
N TRP A 44 11.16 11.50 -10.40
CA TRP A 44 11.50 12.87 -10.79
C TRP A 44 11.61 13.74 -9.55
N ASN A 45 12.78 14.37 -9.38
CA ASN A 45 13.01 15.25 -8.24
C ASN A 45 12.72 16.70 -8.61
N PRO A 46 11.75 17.32 -7.92
CA PRO A 46 11.37 18.72 -8.15
C PRO A 46 12.56 19.68 -7.98
N ARG A 47 13.57 19.25 -7.24
CA ARG A 47 14.77 20.06 -7.04
C ARG A 47 15.52 20.27 -8.36
N ASP A 48 15.35 19.34 -9.28
CA ASP A 48 15.99 19.44 -10.60
C ASP A 48 15.25 20.41 -11.50
N PHE A 49 14.06 20.84 -11.08
CA PHE A 49 13.24 21.74 -11.87
C PHE A 49 13.28 23.16 -11.32
N THR A 50 14.14 23.39 -10.34
CA THR A 50 14.35 24.73 -9.79
C THR A 50 15.30 25.51 -10.68
N PHE A 51 15.35 26.82 -10.49
CA PHE A 51 16.20 27.67 -11.32
C PHE A 51 17.03 28.65 -10.50
N ASP A 52 16.65 28.88 -9.25
CA ASP A 52 17.41 29.76 -8.38
C ASP A 52 18.71 29.06 -7.97
N LYS A 53 19.65 29.84 -7.43
CA LYS A 53 20.98 29.33 -7.11
C LYS A 53 20.95 28.25 -6.03
N HIS A 54 20.02 28.37 -5.09
CA HIS A 54 19.99 27.48 -3.94
C HIS A 54 19.02 26.31 -4.10
N LYS A 55 18.41 26.21 -5.28
CA LYS A 55 17.46 25.13 -5.59
C LYS A 55 16.35 25.03 -4.54
N THR A 56 15.64 26.14 -4.33
CA THR A 56 14.57 26.19 -3.34
C THR A 56 13.36 25.38 -3.77
N VAL A 57 12.89 24.50 -2.89
CA VAL A 57 11.75 23.64 -3.20
C VAL A 57 10.59 23.83 -2.22
N ASP A 58 10.78 24.70 -1.24
CA ASP A 58 9.73 24.99 -0.27
C ASP A 58 9.32 26.46 -0.33
N ASP A 59 8.09 26.75 0.07
CA ASP A 59 7.57 28.12 0.01
C ASP A 59 6.66 28.40 1.20
N ARG A 60 6.60 29.67 1.61
CA ARG A 60 5.78 30.10 2.74
C ARG A 60 4.30 30.11 2.36
N PRO A 61 3.43 29.65 3.27
CA PRO A 61 2.00 29.57 2.99
C PRO A 61 1.29 30.90 3.23
N TYR A 62 0.30 31.20 2.38
CA TYR A 62 -0.51 32.40 2.55
C TYR A 62 -1.36 32.28 3.81
N GLY A 63 -1.35 33.32 4.63
CA GLY A 63 -2.13 33.33 5.86
C GLY A 63 -1.28 33.14 7.10
N GLY A 64 0.04 33.08 6.89
CA GLY A 64 0.96 32.85 7.98
C GLY A 64 1.26 31.38 8.18
N GLY A 65 1.00 30.88 9.38
CA GLY A 65 1.23 29.49 9.70
C GLY A 65 2.69 29.20 10.01
N PRO A 66 2.93 28.26 10.94
CA PRO A 66 4.29 27.90 11.36
C PRO A 66 5.04 27.08 10.31
N GLY A 67 4.30 26.28 9.53
CA GLY A 67 4.92 25.36 8.59
C GLY A 67 5.19 25.93 7.20
N MET A 68 5.65 25.06 6.31
CA MET A 68 5.97 25.44 4.93
C MET A 68 5.24 24.52 3.95
N LEU A 69 5.27 24.87 2.67
CA LEU A 69 4.64 24.05 1.65
C LEU A 69 5.61 23.70 0.53
N MET A 70 5.20 22.77 -0.32
CA MET A 70 5.94 22.48 -1.54
C MET A 70 5.85 23.69 -2.46
N MET A 71 6.99 24.16 -2.95
CA MET A 71 7.00 25.26 -3.90
C MET A 71 6.31 24.81 -5.19
N VAL A 72 5.36 25.60 -5.67
CA VAL A 72 4.49 25.20 -6.76
C VAL A 72 5.24 24.96 -8.08
N GLN A 73 6.04 25.93 -8.50
CA GLN A 73 6.70 25.87 -9.81
C GLN A 73 7.59 24.63 -10.01
N PRO A 74 8.48 24.31 -9.06
CA PRO A 74 9.29 23.09 -9.29
C PRO A 74 8.45 21.82 -9.26
N LEU A 75 7.46 21.78 -8.37
CA LEU A 75 6.59 20.61 -8.24
C LEU A 75 5.70 20.45 -9.45
N ARG A 76 5.10 21.54 -9.91
CA ARG A 76 4.20 21.52 -11.06
C ARG A 76 4.93 21.11 -12.34
N ASP A 77 6.16 21.61 -12.50
CA ASP A 77 6.96 21.26 -13.67
C ASP A 77 7.36 19.78 -13.64
N ALA A 78 7.67 19.28 -12.45
CA ALA A 78 8.04 17.88 -12.27
C ALA A 78 6.86 16.97 -12.62
N ILE A 79 5.67 17.38 -12.22
CA ILE A 79 4.46 16.59 -12.49
C ILE A 79 4.15 16.52 -13.97
N HIS A 80 4.25 17.66 -14.64
CA HIS A 80 3.99 17.74 -16.08
C HIS A 80 4.98 16.89 -16.88
N THR A 81 6.21 16.82 -16.39
CA THR A 81 7.25 16.01 -17.05
C THR A 81 6.92 14.53 -16.93
N ALA A 82 6.41 14.14 -15.76
CA ALA A 82 6.03 12.75 -15.52
C ALA A 82 4.84 12.34 -16.39
N LYS A 83 3.92 13.27 -16.59
CA LYS A 83 2.74 13.01 -17.41
C LYS A 83 3.13 12.85 -18.88
N ALA A 84 4.16 13.58 -19.30
CA ALA A 84 4.64 13.52 -20.67
C ALA A 84 5.29 12.17 -20.95
N ALA A 85 6.08 11.70 -20.00
CA ALA A 85 6.78 10.42 -20.13
C ALA A 85 5.82 9.26 -20.01
N ALA A 86 4.75 9.46 -19.25
CA ALA A 86 3.76 8.41 -19.02
C ALA A 86 2.83 8.25 -20.21
N GLY A 87 2.53 9.35 -20.88
CA GLY A 87 1.57 9.34 -21.98
C GLY A 87 0.16 9.39 -21.44
N GLU A 88 -0.79 8.90 -22.22
CA GLU A 88 -2.19 8.90 -21.82
C GLU A 88 -2.55 7.63 -21.04
N GLY A 89 -3.47 7.77 -20.09
CA GLY A 89 -3.94 6.64 -19.32
C GLY A 89 -3.40 6.63 -17.90
N ALA A 90 -2.40 7.45 -17.64
CA ALA A 90 -1.77 7.50 -16.32
C ALA A 90 -2.66 8.22 -15.31
N LYS A 91 -2.86 7.59 -14.16
CA LYS A 91 -3.65 8.19 -13.09
C LYS A 91 -2.75 8.78 -12.01
N VAL A 92 -2.85 10.10 -11.83
CA VAL A 92 -2.01 10.80 -10.87
C VAL A 92 -2.60 10.75 -9.47
N ILE A 93 -1.83 10.27 -8.51
CA ILE A 93 -2.29 10.07 -7.14
C ILE A 93 -1.46 10.86 -6.14
N TYR A 94 -2.14 11.55 -5.22
CA TYR A 94 -1.46 12.30 -4.18
C TYR A 94 -1.69 11.66 -2.82
N LEU A 95 -0.59 11.38 -2.12
CA LEU A 95 -0.66 10.73 -0.80
C LEU A 95 -0.78 11.76 0.31
N SER A 96 -1.88 11.69 1.06
CA SER A 96 -2.13 12.60 2.17
C SER A 96 -3.20 12.02 3.09
N PRO A 97 -3.15 12.37 4.39
CA PRO A 97 -4.14 11.90 5.37
C PRO A 97 -5.58 12.25 5.00
N GLN A 98 -5.76 13.29 4.20
CA GLN A 98 -7.09 13.71 3.76
C GLN A 98 -7.62 12.82 2.64
N GLY A 99 -6.75 11.98 2.09
CA GLY A 99 -7.11 11.11 0.99
C GLY A 99 -7.98 9.94 1.41
N ARG A 100 -8.46 9.20 0.41
CA ARG A 100 -9.29 8.02 0.66
C ARG A 100 -8.49 6.94 1.38
N LYS A 101 -9.08 6.38 2.44
CA LYS A 101 -8.43 5.33 3.22
C LYS A 101 -8.13 4.11 2.37
N LEU A 102 -6.88 3.66 2.40
CA LEU A 102 -6.47 2.52 1.58
C LEU A 102 -6.70 1.20 2.31
N ASP A 103 -7.52 0.34 1.70
CA ASP A 103 -7.69 -1.03 2.17
C ASP A 103 -7.31 -2.00 1.06
N GLN A 104 -7.47 -3.29 1.31
CA GLN A 104 -7.11 -4.30 0.31
C GLN A 104 -7.97 -4.17 -0.93
N GLY A 105 -9.23 -3.80 -0.74
CA GLY A 105 -10.14 -3.59 -1.86
C GLY A 105 -9.71 -2.38 -2.68
N GLY A 106 -9.14 -1.39 -2.02
CA GLY A 106 -8.63 -0.21 -2.70
C GLY A 106 -7.34 -0.51 -3.43
N VAL A 107 -6.55 -1.44 -2.89
CA VAL A 107 -5.32 -1.86 -3.53
C VAL A 107 -5.61 -2.54 -4.87
N THR A 108 -6.64 -3.38 -4.90
CA THR A 108 -7.03 -4.07 -6.11
C THR A 108 -7.46 -3.09 -7.20
N GLU A 109 -8.16 -2.03 -6.80
CA GLU A 109 -8.61 -1.01 -7.74
C GLU A 109 -7.42 -0.29 -8.38
N LEU A 110 -6.48 0.15 -7.56
CA LEU A 110 -5.31 0.86 -8.03
C LEU A 110 -4.41 -0.05 -8.86
N ALA A 111 -4.52 -1.35 -8.63
CA ALA A 111 -3.72 -2.34 -9.35
C ALA A 111 -4.26 -2.57 -10.77
N GLN A 112 -5.46 -2.07 -11.03
CA GLN A 112 -6.07 -2.22 -12.35
C GLN A 112 -5.47 -1.23 -13.34
N ASN A 113 -4.72 -0.26 -12.84
CA ASN A 113 -4.09 0.74 -13.69
C ASN A 113 -2.73 0.28 -14.20
N GLN A 114 -2.49 0.51 -15.49
CA GLN A 114 -1.22 0.13 -16.11
C GLN A 114 -0.16 1.19 -15.82
N LYS A 115 -0.60 2.43 -15.71
CA LYS A 115 0.29 3.55 -15.42
C LYS A 115 -0.18 4.34 -14.21
N LEU A 116 0.74 4.69 -13.33
CA LEU A 116 0.42 5.47 -12.14
C LEU A 116 1.46 6.56 -11.87
N ILE A 117 1.00 7.71 -11.41
CA ILE A 117 1.88 8.78 -10.99
C ILE A 117 1.62 9.14 -9.53
N LEU A 118 2.64 8.96 -8.69
CA LEU A 118 2.49 9.20 -7.26
C LEU A 118 3.23 10.46 -6.83
N VAL A 119 2.48 11.44 -6.36
CA VAL A 119 3.07 12.69 -5.89
C VAL A 119 3.34 12.64 -4.39
N CYS A 120 4.61 12.69 -4.03
CA CYS A 120 5.02 12.63 -2.63
C CYS A 120 5.21 14.02 -2.06
N GLY A 121 4.32 14.40 -1.13
CA GLY A 121 4.37 15.72 -0.53
C GLY A 121 5.18 15.78 0.74
N ARG A 122 5.98 16.83 0.89
CA ARG A 122 6.74 17.06 2.11
C ARG A 122 6.18 18.26 2.84
N TYR A 123 6.78 18.58 4.00
CA TYR A 123 6.38 19.73 4.80
C TYR A 123 4.91 19.63 5.20
N GLU A 124 4.15 20.70 4.96
CA GLU A 124 2.73 20.69 5.33
C GLU A 124 1.84 20.31 4.15
N GLY A 125 2.46 19.84 3.07
CA GLY A 125 1.72 19.40 1.90
C GLY A 125 1.91 20.28 0.68
N ILE A 126 1.00 20.17 -0.28
CA ILE A 126 1.09 20.94 -1.51
C ILE A 126 -0.07 21.93 -1.62
N ASP A 127 0.01 22.83 -2.60
CA ASP A 127 -1.03 23.82 -2.83
C ASP A 127 -2.34 23.16 -3.24
N GLU A 128 -3.44 23.65 -2.70
CA GLU A 128 -4.77 23.07 -2.95
C GLU A 128 -5.14 23.14 -4.43
N ARG A 129 -4.72 24.22 -5.10
CA ARG A 129 -5.03 24.41 -6.51
C ARG A 129 -4.31 23.39 -7.39
N LEU A 130 -3.17 22.90 -6.92
CA LEU A 130 -2.44 21.85 -7.64
C LEU A 130 -3.21 20.54 -7.61
N ILE A 131 -3.92 20.31 -6.50
CA ILE A 131 -4.72 19.09 -6.35
C ILE A 131 -5.90 19.10 -7.31
N GLN A 132 -6.48 20.27 -7.51
CA GLN A 132 -7.65 20.43 -8.38
C GLN A 132 -7.28 20.33 -9.85
N THR A 133 -6.03 20.68 -10.18
CA THR A 133 -5.62 20.80 -11.58
C THR A 133 -4.68 19.67 -12.03
N GLU A 134 -4.00 19.02 -11.10
CA GLU A 134 -3.00 18.02 -11.47
C GLU A 134 -3.25 16.65 -10.86
N ILE A 135 -4.02 16.60 -9.77
CA ILE A 135 -4.26 15.35 -9.06
C ILE A 135 -5.62 14.75 -9.41
N ASP A 136 -5.63 13.45 -9.72
CA ASP A 136 -6.86 12.75 -10.04
C ASP A 136 -7.51 12.17 -8.78
N GLU A 137 -6.74 11.41 -8.01
CA GLU A 137 -7.26 10.78 -6.80
C GLU A 137 -6.35 11.02 -5.60
N GLU A 138 -6.96 11.26 -4.45
CA GLU A 138 -6.23 11.50 -3.22
C GLU A 138 -6.38 10.29 -2.30
N TRP A 139 -5.26 9.74 -1.84
CA TRP A 139 -5.28 8.51 -1.06
C TRP A 139 -4.52 8.59 0.25
N SER A 140 -4.88 7.74 1.20
CA SER A 140 -4.23 7.67 2.50
C SER A 140 -4.02 6.23 2.93
N ILE A 141 -2.83 5.91 3.42
CA ILE A 141 -2.52 4.56 3.87
C ILE A 141 -2.98 4.33 5.31
N GLY A 142 -3.43 5.39 5.96
CA GLY A 142 -3.89 5.30 7.33
C GLY A 142 -4.06 6.64 7.99
N ASP A 143 -4.79 6.67 9.10
CA ASP A 143 -5.06 7.90 9.83
C ASP A 143 -3.89 8.29 10.74
N TYR A 144 -2.73 8.51 10.14
CA TYR A 144 -1.55 8.97 10.88
C TYR A 144 -0.73 9.92 10.02
N VAL A 145 0.02 10.80 10.67
CA VAL A 145 0.81 11.81 9.96
C VAL A 145 2.28 11.41 9.89
N LEU A 146 2.85 11.54 8.69
CA LEU A 146 4.26 11.22 8.48
C LEU A 146 5.03 12.44 7.99
N THR A 147 6.35 12.34 7.95
CA THR A 147 7.20 13.45 7.54
C THR A 147 7.18 13.66 6.03
N GLY A 148 6.65 12.68 5.31
CA GLY A 148 6.58 12.76 3.86
C GLY A 148 5.70 11.69 3.25
N GLY A 149 5.39 11.85 1.96
CA GLY A 149 4.54 10.91 1.25
C GLY A 149 5.32 9.80 0.58
N GLU A 150 6.61 9.72 0.89
CA GLU A 150 7.48 8.69 0.32
C GLU A 150 7.10 7.29 0.83
N LEU A 151 7.02 7.13 2.14
CA LEU A 151 6.64 5.85 2.73
C LEU A 151 5.22 5.40 2.34
N PRO A 152 4.23 6.32 2.33
CA PRO A 152 2.94 5.89 1.81
C PRO A 152 2.98 5.49 0.33
N ALA A 153 3.83 6.15 -0.45
CA ALA A 153 3.97 5.83 -1.87
C ALA A 153 4.58 4.45 -2.04
N MET A 154 5.65 4.19 -1.28
CA MET A 154 6.31 2.90 -1.32
CA MET A 154 6.33 2.89 -1.31
C MET A 154 5.40 1.78 -0.82
N THR A 155 4.53 2.13 0.12
CA THR A 155 3.55 1.18 0.64
C THR A 155 2.55 0.81 -0.45
N LEU A 156 2.10 1.81 -1.19
CA LEU A 156 1.16 1.61 -2.28
C LEU A 156 1.78 0.75 -3.38
N ILE A 157 2.98 1.14 -3.80
CA ILE A 157 3.72 0.42 -4.84
C ILE A 157 3.91 -1.05 -4.47
N ASP A 158 4.29 -1.29 -3.23
CA ASP A 158 4.50 -2.65 -2.74
C ASP A 158 3.20 -3.45 -2.73
N ALA A 159 2.11 -2.77 -2.38
CA ALA A 159 0.80 -3.42 -2.27
C ALA A 159 0.27 -3.85 -3.63
N VAL A 160 0.35 -2.95 -4.61
CA VAL A 160 -0.16 -3.23 -5.95
C VAL A 160 0.77 -4.15 -6.73
N ALA A 161 2.02 -4.23 -6.31
CA ALA A 161 3.00 -5.07 -6.97
C ALA A 161 2.68 -6.55 -6.78
N ARG A 162 2.01 -6.86 -5.67
CA ARG A 162 1.65 -8.24 -5.34
C ARG A 162 0.58 -8.79 -6.27
N PHE A 163 -0.02 -7.91 -7.07
CA PHE A 163 -1.07 -8.31 -8.00
C PHE A 163 -0.54 -8.46 -9.42
N ILE A 164 0.68 -7.97 -9.66
CA ILE A 164 1.32 -8.14 -10.95
C ILE A 164 1.67 -9.60 -11.17
N PRO A 165 1.17 -10.19 -12.26
CA PRO A 165 1.41 -11.61 -12.59
C PRO A 165 2.90 -11.95 -12.69
N GLY A 166 3.35 -12.90 -11.88
CA GLY A 166 4.73 -13.35 -11.93
C GLY A 166 5.59 -12.74 -10.84
N VAL A 167 4.96 -11.97 -9.96
CA VAL A 167 5.68 -11.32 -8.87
C VAL A 167 5.85 -12.26 -7.68
N LEU A 168 4.77 -12.94 -7.31
CA LEU A 168 4.83 -13.87 -6.19
C LEU A 168 5.17 -15.29 -6.66
N GLY A 169 4.21 -16.20 -6.55
CA GLY A 169 4.41 -17.58 -6.96
C GLY A 169 3.42 -18.53 -6.32
N ASP A 181 -9.09 -11.95 1.05
CA ASP A 181 -10.12 -12.92 1.39
C ASP A 181 -11.14 -12.33 2.36
N GLY A 182 -10.79 -11.21 2.99
CA GLY A 182 -11.70 -10.51 3.87
C GLY A 182 -11.52 -10.81 5.34
N LEU A 183 -10.81 -11.90 5.64
CA LEU A 183 -10.61 -12.33 7.01
C LEU A 183 -9.15 -12.20 7.44
N LEU A 184 -8.93 -12.13 8.75
CA LEU A 184 -7.58 -12.14 9.29
C LEU A 184 -6.94 -13.49 9.05
N ASP A 185 -5.61 -13.52 8.96
CA ASP A 185 -4.90 -14.76 8.64
C ASP A 185 -4.88 -15.72 9.84
N CYS A 186 -4.98 -17.00 9.55
CA CYS A 186 -4.91 -18.04 10.58
C CYS A 186 -3.51 -18.13 11.17
N PRO A 187 -3.39 -18.71 12.37
CA PRO A 187 -2.05 -18.93 12.94
C PRO A 187 -1.22 -19.87 12.09
N HIS A 188 0.07 -19.62 12.01
CA HIS A 188 0.97 -20.46 11.23
C HIS A 188 2.05 -21.07 12.11
N TYR A 189 2.38 -22.33 11.85
CA TYR A 189 3.37 -23.04 12.64
C TYR A 189 4.43 -23.70 11.76
N THR A 190 5.68 -23.68 12.23
CA THR A 190 6.77 -24.36 11.55
C THR A 190 7.67 -25.03 12.59
N ARG A 191 8.81 -25.56 12.14
CA ARG A 191 9.75 -26.24 13.03
C ARG A 191 10.23 -25.30 14.15
N PRO A 192 10.41 -25.84 15.36
CA PRO A 192 10.24 -27.24 15.73
C PRO A 192 8.80 -27.59 16.11
N GLU A 193 8.57 -28.86 16.45
CA GLU A 193 7.25 -29.32 16.85
C GLU A 193 6.88 -28.79 18.23
N VAL A 194 7.89 -28.59 19.08
CA VAL A 194 7.68 -28.04 20.41
C VAL A 194 8.62 -26.86 20.65
N LEU A 195 8.04 -25.71 20.98
CA LEU A 195 8.82 -24.50 21.24
C LEU A 195 8.47 -23.89 22.59
N GLU A 196 9.40 -23.97 23.53
CA GLU A 196 9.21 -23.49 24.90
C GLU A 196 7.93 -24.04 25.53
N GLY A 197 7.71 -25.34 25.38
CA GLY A 197 6.55 -25.99 25.96
C GLY A 197 5.34 -25.99 25.05
N LEU A 198 5.26 -25.00 24.16
CA LEU A 198 4.13 -24.88 23.24
C LEU A 198 4.26 -25.84 22.08
N THR A 199 3.16 -26.53 21.77
CA THR A 199 3.17 -27.54 20.73
C THR A 199 2.37 -27.13 19.49
N VAL A 200 2.70 -27.75 18.36
CA VAL A 200 1.97 -27.54 17.12
C VAL A 200 0.67 -28.33 17.14
N PRO A 201 -0.44 -27.70 16.73
CA PRO A 201 -1.73 -28.39 16.58
C PRO A 201 -1.61 -29.68 15.78
N PRO A 202 -1.90 -30.82 16.43
CA PRO A 202 -1.79 -32.16 15.85
C PRO A 202 -2.53 -32.31 14.52
N VAL A 203 -3.60 -31.56 14.33
CA VAL A 203 -4.38 -31.61 13.11
C VAL A 203 -3.53 -31.18 11.90
N LEU A 204 -2.60 -30.25 12.13
CA LEU A 204 -1.73 -29.77 11.07
C LEU A 204 -0.73 -30.83 10.63
N MET A 205 -0.43 -31.78 11.52
CA MET A 205 0.51 -32.85 11.20
C MET A 205 -0.20 -34.17 10.99
N SER A 206 -1.49 -34.11 10.70
CA SER A 206 -2.30 -35.31 10.52
C SER A 206 -2.32 -35.74 9.05
N GLY A 207 -2.17 -34.78 8.15
CA GLY A 207 -2.19 -35.07 6.73
C GLY A 207 -3.56 -34.88 6.12
N HIS A 208 -4.56 -34.77 6.97
CA HIS A 208 -5.94 -34.54 6.51
C HIS A 208 -6.07 -33.17 5.86
N HIS A 209 -5.90 -33.12 4.55
CA HIS A 209 -5.93 -31.87 3.80
C HIS A 209 -7.28 -31.15 3.93
N GLU A 210 -8.34 -31.90 4.18
CA GLU A 210 -9.67 -31.31 4.33
C GLU A 210 -9.87 -30.76 5.74
N GLU A 211 -9.45 -31.51 6.74
CA GLU A 211 -9.55 -31.06 8.13
C GLU A 211 -8.62 -29.89 8.40
N ILE A 212 -7.48 -29.87 7.71
CA ILE A 212 -6.51 -28.79 7.86
C ILE A 212 -7.06 -27.49 7.27
N ARG A 213 -7.66 -27.59 6.08
CA ARG A 213 -8.26 -26.44 5.43
C ARG A 213 -9.41 -25.89 6.26
N LYS A 214 -10.21 -26.79 6.85
CA LYS A 214 -11.32 -26.39 7.70
C LYS A 214 -10.82 -25.75 8.99
N TRP A 215 -9.71 -26.25 9.50
CA TRP A 215 -9.12 -25.72 10.73
C TRP A 215 -8.62 -24.29 10.51
N ARG A 216 -7.85 -24.09 9.46
CA ARG A 216 -7.28 -22.79 9.13
C ARG A 216 -8.36 -21.74 8.90
N LEU A 217 -9.41 -22.12 8.17
CA LEU A 217 -10.53 -21.23 7.91
C LEU A 217 -11.27 -20.89 9.21
N LYS A 218 -11.36 -21.87 10.09
CA LYS A 218 -12.05 -21.70 11.37
C LYS A 218 -11.29 -20.74 12.27
N GLN A 219 -9.97 -20.89 12.32
CA GLN A 219 -9.13 -20.02 13.15
C GLN A 219 -9.13 -18.59 12.61
N SER A 220 -9.22 -18.45 11.29
CA SER A 220 -9.30 -17.14 10.65
C SER A 220 -10.58 -16.43 11.06
N LEU A 221 -11.67 -17.19 11.15
CA LEU A 221 -12.96 -16.65 11.54
C LEU A 221 -12.98 -16.28 13.03
N GLN A 222 -12.24 -17.03 13.84
CA GLN A 222 -12.18 -16.78 15.27
C GLN A 222 -11.34 -15.55 15.59
N ARG A 223 -10.17 -15.46 14.97
CA ARG A 223 -9.28 -14.32 15.17
C ARG A 223 -9.91 -13.02 14.68
N THR A 224 -10.65 -13.11 13.58
CA THR A 224 -11.35 -11.96 13.04
C THR A 224 -12.46 -11.53 13.98
N TRP A 225 -13.13 -12.48 14.60
CA TRP A 225 -14.23 -12.18 15.51
C TRP A 225 -13.75 -11.57 16.82
N LEU A 226 -12.59 -12.01 17.30
CA LEU A 226 -12.07 -11.57 18.58
C LEU A 226 -11.28 -10.27 18.49
N ARG A 227 -10.61 -10.05 17.36
CA ARG A 227 -9.74 -8.89 17.20
C ARG A 227 -10.42 -7.76 16.41
N ARG A 228 -10.97 -8.11 15.26
CA ARG A 228 -11.58 -7.11 14.37
C ARG A 228 -13.04 -7.45 14.06
N PRO A 229 -13.93 -7.29 15.04
CA PRO A 229 -15.34 -7.67 14.88
C PRO A 229 -16.06 -6.88 13.79
N GLU A 230 -15.60 -5.66 13.52
CA GLU A 230 -16.27 -4.80 12.55
C GLU A 230 -16.03 -5.29 11.11
N LEU A 231 -15.00 -6.10 10.93
CA LEU A 231 -14.69 -6.66 9.62
C LEU A 231 -15.70 -7.74 9.24
N LEU A 232 -16.21 -8.47 10.24
CA LEU A 232 -17.17 -9.52 10.00
C LEU A 232 -18.54 -8.97 9.59
N GLU A 233 -18.84 -7.76 10.06
CA GLU A 233 -20.14 -7.13 9.79
C GLU A 233 -20.31 -6.83 8.30
N GLY A 234 -19.23 -6.43 7.65
CA GLY A 234 -19.28 -6.10 6.23
C GLY A 234 -19.01 -7.29 5.34
N LEU A 235 -19.19 -8.49 5.88
CA LEU A 235 -18.96 -9.72 5.13
C LEU A 235 -20.21 -10.57 5.02
N ALA A 236 -20.38 -11.20 3.86
CA ALA A 236 -21.45 -12.17 3.65
C ALA A 236 -20.86 -13.57 3.69
N LEU A 237 -20.79 -14.14 4.88
CA LEU A 237 -20.15 -15.44 5.10
C LEU A 237 -20.88 -16.57 4.39
N THR A 238 -20.12 -17.50 3.83
CA THR A 238 -20.69 -18.67 3.18
C THR A 238 -21.26 -19.62 4.23
N ASP A 239 -21.97 -20.65 3.78
CA ASP A 239 -22.56 -21.63 4.69
C ASP A 239 -21.50 -22.31 5.53
N GLU A 240 -20.36 -22.61 4.92
CA GLU A 240 -19.25 -23.23 5.63
C GLU A 240 -18.66 -22.27 6.65
N GLN A 241 -18.53 -21.00 6.26
CA GLN A 241 -17.98 -19.97 7.12
C GLN A 241 -18.89 -19.67 8.30
N ARG A 242 -20.20 -19.67 8.06
CA ARG A 242 -21.17 -19.45 9.13
C ARG A 242 -21.13 -20.59 10.13
N LYS A 243 -20.89 -21.80 9.64
CA LYS A 243 -20.79 -22.97 10.49
C LYS A 243 -19.57 -22.92 11.39
N LEU A 244 -18.41 -22.68 10.79
CA LEU A 244 -17.14 -22.66 11.51
C LEU A 244 -17.07 -21.51 12.50
N LEU A 245 -17.75 -20.40 12.20
CA LEU A 245 -17.80 -19.26 13.10
C LEU A 245 -18.63 -19.59 14.33
N LYS A 246 -19.76 -20.26 14.11
CA LYS A 246 -20.63 -20.67 15.21
C LYS A 246 -19.95 -21.69 16.11
N GLU A 247 -19.16 -22.57 15.51
CA GLU A 247 -18.40 -23.56 16.26
C GLU A 247 -17.30 -22.90 17.07
N ALA A 248 -16.61 -21.95 16.46
CA ALA A 248 -15.53 -21.22 17.13
C ALA A 248 -16.06 -20.40 18.30
N GLN A 249 -17.21 -19.78 18.10
CA GLN A 249 -17.84 -18.98 19.15
C GLN A 249 -18.34 -19.88 20.28
N ALA A 250 -18.71 -21.11 19.94
CA ALA A 250 -19.16 -22.08 20.93
C ALA A 250 -17.97 -22.61 21.74
N GLU A 251 -16.86 -22.84 21.04
CA GLU A 251 -15.65 -23.33 21.68
C GLU A 251 -14.99 -22.24 22.53
N HIS A 252 -15.11 -20.99 22.09
CA HIS A 252 -14.56 -19.86 22.83
C HIS A 252 -15.33 -19.64 24.12
N ASN A 253 -16.64 -19.92 24.06
CA ASN A 253 -17.50 -19.84 25.24
C ASN A 253 -17.45 -21.12 26.04
N SER A 254 -16.33 -21.84 25.92
CA SER A 254 -16.11 -23.12 26.58
C SER A 254 -17.23 -24.11 26.27
N1 4FD B . -1.57 9.10 5.94
C4 4FD B . 0.18 10.16 4.78
C5 4FD B . 0.60 10.73 3.60
C6 4FD B . 1.60 11.67 3.69
C7 4FD B . 2.11 12.01 4.92
C10 4FD B . 2.12 14.82 3.84
C13 4FD B . 0.31 16.87 4.08
C15 4FD B . 2.17 15.64 4.92
C17 4FD B . 0.74 10.55 5.97
C12 4FD B . 0.26 16.04 2.98
C14 4FD B . 1.26 16.67 5.05
C11 4FD B . 1.16 15.01 2.86
C2 4FD B . -0.87 9.15 4.77
C9 4FD B . 3.10 13.71 3.71
N16 4FD B . 1.71 11.46 6.07
N8 4FD B . 3.13 12.98 4.96
O3 4FD B . -1.04 8.46 3.78
#